data_8AW3
#
_entry.id   8AW3
#
_cell.length_a   1.00
_cell.length_b   1.00
_cell.length_c   1.00
_cell.angle_alpha   90.00
_cell.angle_beta   90.00
_cell.angle_gamma   90.00
#
_symmetry.space_group_name_H-M   'P 1'
#
loop_
_entity.id
_entity.type
_entity.pdbx_description
1 polymer 'RNA (75-MER)'
2 polymer 'Deaminase, putative'
3 polymer 'Deaminase, putative'
4 non-polymer 'ZINC ION'
#
loop_
_entity_poly.entity_id
_entity_poly.type
_entity_poly.pdbx_seq_one_letter_code
_entity_poly.pdbx_strand_id
1 'polyribonucleotide' GGCCGCUUAGCACAGUGGCAGUGCACCACUCUCGUAAAGUGGGGGUCGCGAGUUCGAUUCUCGCAGUGGCCUCCA 1
2 'polypeptide(L)'
;MVQDTGKDTNLKGTAEANESVVYCDVFMQAALKEATCALEEGEVPVGCVLVKADSSTAAQAQAGDDLALQKLIVARGRNA
TNRKGHGLAHAEFVAVEELLRQATAGTSENIGGGGNSGAVSQDLADYVLYVVVEPCIMCAAMLLYNRVRKVYFGCTNPRF
GGNGTVLSVHNSYKGCSGEDAALIGYESCGGYRAEEAVVLLQQFYRRENTNAPLGKRKRKD
;
2
3 'polypeptide(L)'
;GPDSMEEVVVPEEPPKLVSALATYVQQERLCTMFLSIANKLLPLKPHACHLKRIRRSSATRVATAPMDGFAGGVICDKRD
SSVATSTISDGCERNSAALGTPAAEKSHVLELLLSVGGPVDSSALKELESAADTTVAVHRVWVPDRAPRSSAEEWTKWCQ
IWPFATPKPRVPTQLSECEVGSIQRIFRTVVMPLAKRLRTDETLGIAAVLVDPSDGYRVLVSSGEEHALKRGNSAACLGY
VSNSGCRKSNRVVLDHPVTFVLKEVTRKQCKDREVEGDASYLANGMDMFVSHEPCVMCSMALVHSRVRRVFYCFPNPVHG
GLGSTVSIHAIQELNHHFRVFRCDSRWLSDPEGVSSDHDNPYWEDLTVP
;
3
#
loop_
_chem_comp.id
_chem_comp.type
_chem_comp.name
_chem_comp.formula
A RNA linking ADENOSINE-5'-MONOPHOSPHATE 'C10 H14 N5 O7 P'
C RNA linking CYTIDINE-5'-MONOPHOSPHATE 'C9 H14 N3 O8 P'
G RNA linking GUANOSINE-5'-MONOPHOSPHATE 'C10 H14 N5 O8 P'
U RNA linking URIDINE-5'-MONOPHOSPHATE 'C9 H13 N2 O9 P'
ZN non-polymer 'ZINC ION' 'Zn 2'
#
# COMPACT_ATOMS: atom_id res chain seq x y z
N GLU B 19 9.62 -32.11 18.18
CA GLU B 19 10.44 -31.09 17.51
C GLU B 19 9.66 -29.81 17.31
N SER B 20 10.40 -28.74 16.93
CA SER B 20 9.82 -27.40 16.65
C SER B 20 10.75 -26.58 15.74
N VAL B 21 10.46 -25.29 15.56
CA VAL B 21 11.33 -24.39 14.75
C VAL B 21 11.81 -23.23 15.63
N VAL B 22 13.11 -22.96 15.67
CA VAL B 22 13.69 -21.82 16.43
C VAL B 22 14.68 -21.07 15.54
N TYR B 23 14.96 -19.78 15.79
CA TYR B 23 15.97 -19.10 14.95
C TYR B 23 17.34 -19.77 15.16
N CYS B 24 18.09 -20.01 14.08
CA CYS B 24 19.46 -20.58 14.22
C CYS B 24 20.45 -19.53 13.70
N ASP B 25 21.50 -19.27 14.47
CA ASP B 25 22.37 -18.14 14.17
C ASP B 25 22.98 -18.25 12.78
N VAL B 26 23.56 -19.42 12.46
CA VAL B 26 24.32 -19.58 11.23
C VAL B 26 23.44 -19.35 10.01
N PHE B 27 22.16 -19.70 10.09
CA PHE B 27 21.26 -19.44 8.98
C PHE B 27 21.12 -17.94 8.71
N MET B 28 20.99 -17.13 9.77
CA MET B 28 20.95 -15.68 9.57
C MET B 28 22.29 -15.12 9.14
N GLN B 29 23.39 -15.72 9.59
CA GLN B 29 24.70 -15.30 9.07
C GLN B 29 24.76 -15.53 7.57
N ALA B 30 24.27 -16.68 7.10
CA ALA B 30 24.24 -16.94 5.67
C ALA B 30 23.30 -15.97 4.96
N ALA B 31 22.16 -15.65 5.57
CA ALA B 31 21.24 -14.70 4.96
C ALA B 31 21.84 -13.32 4.83
N LEU B 32 22.54 -12.84 5.86
CA LEU B 32 23.14 -11.51 5.80
C LEU B 32 24.37 -11.46 4.92
N LYS B 33 25.16 -12.54 4.88
CA LYS B 33 26.29 -12.64 3.96
C LYS B 33 25.83 -12.96 2.55
N GLU B 34 24.54 -13.21 2.37
CA GLU B 34 23.95 -13.33 1.05
C GLU B 34 23.37 -12.01 0.57
N ALA B 35 23.55 -10.93 1.34
CA ALA B 35 23.21 -9.58 0.92
C ALA B 35 24.43 -8.77 0.51
N THR B 36 25.59 -9.06 1.08
CA THR B 36 26.81 -8.37 0.67
C THR B 36 27.20 -8.73 -0.75
N CYS B 37 27.05 -10.01 -1.13
CA CYS B 37 27.35 -10.42 -2.48
C CYS B 37 26.45 -9.72 -3.49
N ALA B 38 25.16 -9.59 -3.18
CA ALA B 38 24.26 -8.82 -4.02
C ALA B 38 24.54 -7.33 -3.95
N LEU B 39 25.20 -6.87 -2.89
CA LEU B 39 25.55 -5.43 -2.79
C LEU B 39 26.72 -5.16 -3.73
N GLU B 40 27.67 -6.10 -3.82
CA GLU B 40 28.81 -5.94 -4.76
C GLU B 40 28.26 -5.95 -6.20
N GLU B 41 27.30 -6.82 -6.47
CA GLU B 41 26.66 -6.85 -7.83
C GLU B 41 25.93 -5.53 -8.08
N GLY B 42 25.37 -4.98 -7.03
CA GLY B 42 24.71 -3.68 -7.15
C GLY B 42 23.22 -3.84 -7.08
N GLU B 43 22.74 -5.02 -6.77
CA GLU B 43 21.29 -5.26 -6.58
C GLU B 43 20.92 -4.89 -5.14
N VAL B 44 19.67 -4.52 -4.85
CA VAL B 44 19.31 -4.10 -3.47
C VAL B 44 19.66 -5.21 -2.50
N PRO B 45 20.39 -4.96 -1.40
CA PRO B 45 20.86 -6.01 -0.49
C PRO B 45 19.80 -6.73 0.36
N VAL B 46 18.91 -7.51 -0.26
CA VAL B 46 17.93 -8.32 0.44
C VAL B 46 18.18 -9.77 0.07
N GLY B 47 18.47 -10.59 1.07
CA GLY B 47 18.81 -11.98 0.83
C GLY B 47 17.94 -12.91 1.65
N CYS B 48 17.51 -13.99 1.01
CA CYS B 48 16.63 -14.95 1.65
C CYS B 48 17.26 -16.34 1.60
N VAL B 49 17.07 -17.09 2.68
CA VAL B 49 17.55 -18.46 2.78
C VAL B 49 16.40 -19.37 3.20
N LEU B 50 16.02 -20.30 2.33
CA LEU B 50 15.04 -21.33 2.65
C LEU B 50 15.80 -22.51 3.23
N VAL B 51 15.58 -22.75 4.53
CA VAL B 51 16.16 -23.92 5.16
C VAL B 51 15.12 -25.02 5.27
N LYS B 52 15.60 -26.24 5.50
CA LYS B 52 14.70 -27.39 5.59
C LYS B 52 13.75 -27.22 6.76
N ALA B 53 12.52 -27.71 6.58
CA ALA B 53 11.50 -27.54 7.60
C ALA B 53 11.92 -28.14 8.93
N ASP B 54 12.34 -29.40 8.92
CA ASP B 54 12.81 -30.06 10.13
C ASP B 54 14.32 -29.91 10.31
N SER B 55 14.83 -28.70 10.19
CA SER B 55 16.24 -28.43 10.35
C SER B 55 16.53 -27.20 11.20
N SER B 56 15.49 -26.41 11.39
CA SER B 56 15.60 -25.20 12.21
C SER B 56 15.44 -25.60 13.69
N THR B 57 15.57 -26.88 14.01
CA THR B 57 15.36 -27.38 15.39
C THR B 57 16.48 -26.91 16.33
N ALA B 58 16.16 -26.72 17.60
CA ALA B 58 17.13 -26.27 18.62
C ALA B 58 18.46 -27.02 18.59
N ALA B 59 18.47 -28.30 18.25
CA ALA B 59 19.70 -29.06 18.18
C ALA B 59 20.70 -28.42 17.22
N GLN B 60 20.22 -27.68 16.23
CA GLN B 60 21.07 -26.98 15.28
C GLN B 60 21.32 -25.53 15.65
N ALA B 61 20.95 -25.12 16.87
CA ALA B 61 21.14 -23.73 17.27
C ALA B 61 22.62 -23.37 17.35
N GLN B 62 23.46 -24.31 17.79
CA GLN B 62 24.88 -24.04 17.96
C GLN B 62 25.56 -23.82 16.60
N ALA B 63 26.73 -23.19 16.64
CA ALA B 63 27.43 -22.86 15.41
C ALA B 63 28.28 -24.03 14.92
N GLY B 64 28.28 -25.14 15.65
CA GLY B 64 29.08 -26.28 15.26
C GLY B 64 28.63 -26.90 13.95
N ASP B 65 29.57 -27.58 13.30
CA ASP B 65 29.34 -28.20 12.00
C ASP B 65 28.89 -27.18 10.96
N ASP B 66 29.74 -26.18 10.72
CA ASP B 66 29.38 -25.10 9.81
C ASP B 66 29.16 -25.62 8.40
N LEU B 67 29.99 -26.57 7.95
CA LEU B 67 29.82 -27.12 6.60
C LEU B 67 28.49 -27.85 6.48
N ALA B 68 28.15 -28.68 7.47
CA ALA B 68 26.88 -29.39 7.44
C ALA B 68 25.70 -28.42 7.53
N LEU B 69 25.81 -27.42 8.40
CA LEU B 69 24.73 -26.46 8.56
C LEU B 69 24.48 -25.66 7.29
N GLN B 70 25.56 -25.24 6.62
CA GLN B 70 25.44 -24.47 5.38
C GLN B 70 25.21 -25.35 4.16
N LYS B 71 25.32 -26.68 4.31
CA LYS B 71 24.87 -27.60 3.28
C LYS B 71 23.42 -28.01 3.45
N LEU B 72 22.87 -27.92 4.67
CA LEU B 72 21.44 -28.19 4.86
C LEU B 72 20.58 -27.09 4.26
N ILE B 73 21.15 -25.92 3.99
CA ILE B 73 20.42 -24.84 3.35
C ILE B 73 19.83 -25.33 2.04
N VAL B 74 18.52 -25.19 1.89
CA VAL B 74 17.85 -25.74 0.71
C VAL B 74 17.94 -24.77 -0.45
N ALA B 75 17.57 -23.51 -0.24
CA ALA B 75 17.55 -22.58 -1.39
C ALA B 75 17.93 -21.16 -0.94
N ARG B 76 18.71 -20.45 -1.77
CA ARG B 76 19.09 -19.06 -1.44
C ARG B 76 18.71 -18.15 -2.62
N GLY B 77 18.29 -16.93 -2.32
CA GLY B 77 17.91 -15.97 -3.38
C GLY B 77 18.31 -14.55 -3.04
N ARG B 78 18.47 -13.71 -4.05
CA ARG B 78 18.80 -12.28 -3.81
C ARG B 78 17.83 -11.39 -4.61
N ASN B 79 17.92 -10.07 -4.45
CA ASN B 79 16.95 -9.16 -5.11
C ASN B 79 17.36 -9.00 -6.57
N ALA B 80 17.07 -10.00 -7.40
CA ALA B 80 17.46 -9.96 -8.83
C ALA B 80 16.40 -9.20 -9.62
N THR B 81 16.37 -7.87 -9.48
CA THR B 81 15.39 -7.04 -10.25
C THR B 81 16.18 -6.13 -11.19
N ASN B 82 17.42 -5.80 -10.83
CA ASN B 82 18.18 -4.86 -11.65
C ASN B 82 18.55 -5.47 -12.99
N ARG B 83 19.13 -6.68 -12.97
CA ARG B 83 19.53 -7.33 -14.22
C ARG B 83 18.35 -7.93 -14.96
N LYS B 84 17.39 -8.49 -14.22
CA LYS B 84 16.28 -9.19 -14.86
C LYS B 84 15.38 -8.23 -15.63
N GLY B 85 15.12 -7.07 -15.06
CA GLY B 85 14.17 -6.13 -15.63
C GLY B 85 12.76 -6.26 -15.09
N HIS B 86 12.42 -7.40 -14.50
CA HIS B 86 11.14 -7.56 -13.81
C HIS B 86 11.20 -6.74 -12.54
N GLY B 87 10.43 -5.67 -12.50
CA GLY B 87 10.41 -4.87 -11.27
C GLY B 87 9.64 -5.50 -10.12
N LEU B 88 9.25 -6.77 -10.19
CA LEU B 88 8.38 -7.39 -9.21
C LEU B 88 8.97 -8.68 -8.67
N ALA B 89 10.30 -8.77 -8.64
CA ALA B 89 10.99 -10.00 -8.25
C ALA B 89 11.99 -9.67 -7.13
N HIS B 90 11.54 -9.74 -5.88
CA HIS B 90 12.42 -9.61 -4.74
C HIS B 90 13.13 -10.94 -4.49
N ALA B 91 13.81 -11.04 -3.36
CA ALA B 91 14.51 -12.27 -3.01
C ALA B 91 13.53 -13.42 -2.82
N GLU B 92 12.43 -13.17 -2.10
CA GLU B 92 11.48 -14.23 -1.79
C GLU B 92 10.93 -14.90 -3.04
N PHE B 93 10.67 -14.13 -4.09
CA PHE B 93 10.12 -14.66 -5.32
C PHE B 93 11.15 -15.38 -6.17
N VAL B 94 12.43 -15.29 -5.83
CA VAL B 94 13.48 -15.95 -6.60
C VAL B 94 13.82 -17.32 -6.02
N ALA B 95 14.07 -17.38 -4.72
CA ALA B 95 14.49 -18.63 -4.11
C ALA B 95 13.40 -19.69 -4.25
N VAL B 96 12.14 -19.30 -4.09
CA VAL B 96 11.04 -20.24 -4.29
C VAL B 96 11.08 -20.81 -5.70
N GLU B 97 11.42 -19.98 -6.69
CA GLU B 97 11.63 -20.50 -8.04
C GLU B 97 12.78 -21.51 -8.06
N GLU B 98 13.88 -21.18 -7.40
CA GLU B 98 15.00 -22.12 -7.32
C GLU B 98 14.58 -23.42 -6.65
N LEU B 99 13.87 -23.31 -5.51
CA LEU B 99 13.29 -24.50 -4.90
C LEU B 99 12.40 -25.26 -5.87
N LEU B 100 11.65 -24.54 -6.69
CA LEU B 100 10.83 -25.21 -7.70
C LEU B 100 11.70 -25.80 -8.80
N ARG B 101 12.79 -25.12 -9.14
CA ARG B 101 13.62 -25.57 -10.26
C ARG B 101 14.38 -26.84 -9.93
N GLN B 102 14.91 -26.93 -8.70
CA GLN B 102 15.69 -28.10 -8.32
C GLN B 102 14.85 -29.37 -8.29
N ALA B 103 13.55 -29.24 -8.00
CA ALA B 103 12.66 -30.39 -7.99
C ALA B 103 12.45 -30.93 -9.40
N ASP B 123 4.44 -30.06 -3.85
CA ASP B 123 5.14 -29.33 -2.80
C ASP B 123 4.25 -28.20 -2.29
N LEU B 124 4.42 -27.82 -1.04
CA LEU B 124 3.58 -26.82 -0.40
C LEU B 124 4.40 -25.87 0.46
N ALA B 125 5.66 -25.65 0.09
CA ALA B 125 6.54 -24.65 0.69
C ALA B 125 6.46 -24.60 2.21
N ASP B 126 6.40 -25.76 2.86
CA ASP B 126 6.38 -25.78 4.32
C ASP B 126 7.75 -25.47 4.90
N TYR B 127 8.77 -25.34 4.04
CA TYR B 127 10.11 -24.98 4.50
C TYR B 127 10.09 -23.60 5.12
N VAL B 128 10.91 -23.42 6.16
CA VAL B 128 10.99 -22.13 6.82
C VAL B 128 11.90 -21.19 6.02
N LEU B 129 11.54 -19.91 6.04
CA LEU B 129 12.23 -18.90 5.25
C LEU B 129 12.78 -17.81 6.15
N TYR B 130 14.08 -17.56 6.04
CA TYR B 130 14.76 -16.55 6.86
C TYR B 130 15.23 -15.42 5.93
N VAL B 131 14.83 -14.16 6.10
CA VAL B 131 15.10 -13.02 5.24
C VAL B 131 15.63 -11.88 6.10
N VAL B 132 16.34 -10.95 5.46
CA VAL B 132 17.03 -9.89 6.17
C VAL B 132 16.11 -8.70 6.40
N VAL B 133 15.15 -8.49 5.51
CA VAL B 133 14.17 -7.42 5.65
C VAL B 133 12.79 -8.05 5.61
N GLU B 134 11.85 -7.46 6.34
CA GLU B 134 10.53 -8.07 6.46
C GLU B 134 9.89 -8.17 5.09
N PRO B 135 9.22 -9.28 4.79
CA PRO B 135 8.66 -9.46 3.45
C PRO B 135 7.71 -8.33 3.08
N CYS B 136 7.80 -7.89 1.83
CA CYS B 136 6.85 -6.92 1.33
C CYS B 136 5.46 -7.54 1.25
N ILE B 137 4.45 -6.68 1.02
CA ILE B 137 3.08 -7.17 0.93
C ILE B 137 2.99 -8.26 -0.14
N MET B 138 3.76 -8.12 -1.23
CA MET B 138 3.78 -9.15 -2.26
C MET B 138 4.29 -10.48 -1.70
N CYS B 139 5.44 -10.45 -1.05
CA CYS B 139 6.02 -11.69 -0.54
C CYS B 139 5.16 -12.28 0.57
N ALA B 140 4.60 -11.42 1.42
CA ALA B 140 3.72 -11.88 2.48
C ALA B 140 2.41 -12.45 1.95
N ALA B 141 2.00 -12.08 0.74
CA ALA B 141 0.84 -12.69 0.12
C ALA B 141 1.19 -14.00 -0.56
N MET B 142 2.32 -14.04 -1.28
CA MET B 142 2.75 -15.28 -1.91
C MET B 142 3.04 -16.38 -0.90
N LEU B 143 3.71 -16.04 0.20
CA LEU B 143 4.01 -17.04 1.23
C LEU B 143 2.73 -17.52 1.90
N LEU B 144 1.75 -16.63 2.04
CA LEU B 144 0.43 -17.05 2.54
C LEU B 144 -0.22 -18.03 1.59
N TYR B 145 -0.14 -17.77 0.29
CA TYR B 145 -0.82 -18.63 -0.68
C TYR B 145 -0.17 -20.00 -0.76
N ASN B 146 1.10 -20.10 -0.38
CA ASN B 146 1.83 -21.36 -0.43
C ASN B 146 1.86 -22.07 0.92
N ARG B 147 1.15 -21.57 1.93
CA ARG B 147 1.08 -22.19 3.25
C ARG B 147 2.48 -22.32 3.88
N VAL B 148 3.18 -21.19 4.00
CA VAL B 148 4.50 -21.24 4.61
C VAL B 148 4.36 -21.50 6.10
N ARG B 149 5.25 -22.33 6.64
CA ARG B 149 5.14 -22.68 8.05
C ARG B 149 5.54 -21.50 8.93
N LYS B 150 6.68 -20.87 8.64
CA LYS B 150 7.05 -19.68 9.37
C LYS B 150 8.07 -18.90 8.56
N VAL B 151 8.04 -17.57 8.71
CA VAL B 151 8.93 -16.67 7.99
C VAL B 151 9.59 -15.70 8.96
N TYR B 152 10.84 -15.94 9.26
CA TYR B 152 11.51 -14.97 10.13
C TYR B 152 12.10 -13.85 9.28
N PHE B 153 12.30 -12.66 9.85
CA PHE B 153 12.93 -11.51 9.22
C PHE B 153 13.71 -10.72 10.27
N GLY B 154 14.77 -10.05 9.83
CA GLY B 154 15.63 -9.35 10.78
C GLY B 154 15.27 -7.89 10.93
N CYS B 155 14.85 -7.24 9.84
CA CYS B 155 14.58 -5.82 9.83
C CYS B 155 13.17 -5.55 9.33
N THR B 156 12.60 -4.43 9.75
CA THR B 156 11.25 -4.04 9.34
C THR B 156 11.35 -2.83 8.41
N ASN B 157 10.82 -2.94 7.19
CA ASN B 157 10.88 -1.87 6.17
C ASN B 157 9.50 -1.23 6.08
N PRO B 158 9.31 0.02 6.52
CA PRO B 158 7.98 0.63 6.57
C PRO B 158 7.38 0.92 5.21
N ARG B 159 8.21 1.30 4.22
CA ARG B 159 7.66 1.71 2.93
C ARG B 159 6.94 0.56 2.24
N PHE B 160 7.51 -0.64 2.29
CA PHE B 160 6.89 -1.85 1.75
C PHE B 160 7.11 -2.95 2.77
N GLY B 161 6.15 -3.15 3.66
CA GLY B 161 6.27 -4.16 4.69
C GLY B 161 5.00 -4.98 4.84
N GLY B 162 5.14 -6.28 4.64
CA GLY B 162 4.04 -7.21 4.73
C GLY B 162 3.74 -7.72 6.12
N ASN B 163 4.72 -7.64 7.02
CA ASN B 163 4.52 -8.03 8.41
C ASN B 163 4.78 -6.88 9.38
N GLY B 164 4.93 -5.66 8.88
CA GLY B 164 5.24 -4.51 9.70
C GLY B 164 4.09 -3.53 9.82
N THR B 165 4.13 -2.47 9.01
CA THR B 165 3.02 -1.51 9.02
C THR B 165 1.69 -2.17 8.69
N VAL B 166 1.66 -2.97 7.62
CA VAL B 166 0.47 -3.70 7.21
C VAL B 166 0.71 -5.18 7.47
N LEU B 167 -0.32 -5.89 7.92
CA LEU B 167 -0.17 -7.24 8.45
C LEU B 167 -0.91 -8.22 7.55
N SER B 168 -0.16 -9.03 6.81
CA SER B 168 -0.70 -10.22 6.16
C SER B 168 -0.30 -11.50 6.87
N VAL B 169 0.24 -11.34 8.08
CA VAL B 169 0.65 -12.51 8.90
C VAL B 169 -0.57 -13.44 9.05
N HIS B 170 -1.70 -12.93 9.54
CA HIS B 170 -2.87 -13.78 9.80
C HIS B 170 -4.16 -13.15 9.26
N ASN B 171 -4.05 -12.28 8.26
CA ASN B 171 -5.23 -11.53 7.75
C ASN B 171 -6.26 -12.45 7.08
N SER B 172 -5.84 -13.41 6.25
CA SER B 172 -6.82 -14.21 5.47
C SER B 172 -7.77 -14.97 6.40
N TYR B 173 -9.08 -14.88 6.14
CA TYR B 173 -10.08 -15.67 6.92
C TYR B 173 -10.75 -16.66 5.96
N LYS B 174 -10.63 -17.95 6.23
CA LYS B 174 -11.19 -18.98 5.30
C LYS B 174 -12.23 -19.82 6.03
N GLY B 175 -13.43 -19.96 5.44
CA GLY B 175 -14.49 -20.76 6.07
C GLY B 175 -15.47 -19.88 6.83
N LEU B 183 -8.48 -21.33 7.50
CA LEU B 183 -7.40 -21.74 8.45
C LEU B 183 -6.04 -21.58 7.76
N ILE B 184 -5.85 -20.48 7.02
CA ILE B 184 -4.57 -20.25 6.30
C ILE B 184 -3.84 -19.09 6.99
N GLY B 185 -2.64 -19.35 7.51
CA GLY B 185 -1.85 -18.28 8.16
C GLY B 185 -0.41 -18.69 8.40
N TYR B 186 0.45 -17.72 8.72
CA TYR B 186 1.87 -18.02 9.08
C TYR B 186 2.25 -17.12 10.25
N GLU B 187 3.46 -17.25 10.79
CA GLU B 187 3.87 -16.31 11.86
C GLU B 187 5.19 -15.65 11.47
N SER B 188 5.60 -14.60 12.20
CA SER B 188 6.86 -13.92 11.91
C SER B 188 7.29 -13.16 13.16
N CYS B 189 8.55 -13.34 13.56
CA CYS B 189 9.04 -12.70 14.77
C CYS B 189 9.61 -11.32 14.49
N GLY B 190 10.01 -10.64 15.57
CA GLY B 190 10.37 -9.23 15.52
C GLY B 190 11.57 -8.83 14.68
N GLY B 191 12.77 -9.22 15.09
CA GLY B 191 13.95 -8.86 14.33
C GLY B 191 15.25 -9.37 14.92
N TYR B 192 16.12 -9.92 14.06
CA TYR B 192 17.41 -10.43 14.49
C TYR B 192 18.50 -9.87 13.58
N ARG B 193 19.54 -9.31 14.18
CA ARG B 193 20.64 -8.65 13.47
C ARG B 193 20.11 -7.54 12.57
N ALA B 194 19.42 -6.57 13.21
CA ALA B 194 18.85 -5.46 12.46
C ALA B 194 19.92 -4.45 12.05
N GLU B 195 20.95 -4.29 12.88
CA GLU B 195 21.98 -3.29 12.58
C GLU B 195 22.68 -3.60 11.27
N GLU B 196 23.09 -4.86 11.07
CA GLU B 196 23.69 -5.23 9.79
C GLU B 196 22.68 -5.08 8.66
N ALA B 197 21.43 -5.49 8.90
CA ALA B 197 20.41 -5.45 7.86
C ALA B 197 20.16 -4.03 7.37
N VAL B 198 20.37 -3.03 8.23
CA VAL B 198 20.21 -1.64 7.79
C VAL B 198 21.52 -1.03 7.28
N VAL B 199 22.68 -1.46 7.79
CA VAL B 199 23.93 -0.95 7.26
C VAL B 199 24.12 -1.36 5.82
N LEU B 200 23.85 -2.64 5.50
CA LEU B 200 23.99 -3.07 4.11
C LEU B 200 23.02 -2.33 3.20
N LEU B 201 21.81 -2.04 3.68
CA LEU B 201 20.83 -1.38 2.84
C LEU B 201 21.12 0.11 2.69
N GLN B 202 21.74 0.73 3.69
CA GLN B 202 22.14 2.14 3.55
C GLN B 202 23.35 2.27 2.65
N GLN B 203 24.26 1.30 2.68
CA GLN B 203 25.41 1.35 1.79
C GLN B 203 25.01 1.27 0.32
N PHE B 204 23.71 1.13 0.06
CA PHE B 204 23.25 0.95 -1.34
C PHE B 204 23.15 2.29 -1.99
N TYR B 205 22.48 3.23 -1.33
CA TYR B 205 22.27 4.53 -1.99
C TYR B 205 23.44 5.44 -1.73
N ARG B 206 24.31 5.09 -0.79
CA ARG B 206 25.47 5.97 -0.75
C ARG B 206 26.23 5.95 -2.07
N ARG B 207 26.37 4.77 -2.66
CA ARG B 207 26.91 4.72 -4.03
C ARG B 207 25.75 5.06 -4.98
N GLU B 208 25.97 5.74 -6.11
CA GLU B 208 24.83 6.20 -6.97
C GLU B 208 24.28 5.09 -7.87
N ASN B 209 23.28 5.39 -8.69
CA ASN B 209 22.76 4.42 -9.69
C ASN B 209 23.66 4.47 -10.91
N THR B 210 23.21 3.87 -12.00
CA THR B 210 23.98 3.95 -13.25
C THR B 210 22.96 4.16 -14.35
N ASN B 211 22.10 3.16 -14.53
CA ASN B 211 21.00 3.36 -15.49
C ASN B 211 20.13 4.39 -14.81
N ALA B 212 20.07 5.60 -15.36
CA ALA B 212 19.18 6.63 -14.84
C ALA B 212 19.10 7.74 -15.87
N PRO B 213 18.05 8.56 -15.89
CA PRO B 213 18.02 9.68 -16.80
C PRO B 213 18.93 10.77 -16.26
N LEU B 214 19.70 11.37 -17.13
CA LEU B 214 20.65 12.38 -16.68
C LEU B 214 19.97 13.44 -15.83
N GLY B 215 18.79 13.88 -16.22
CA GLY B 215 18.05 14.84 -15.42
C GLY B 215 17.56 14.27 -14.11
N LYS B 216 17.12 13.01 -14.11
CA LYS B 216 16.47 12.41 -12.96
C LYS B 216 17.44 11.74 -11.99
N ARG B 217 18.71 11.61 -12.35
CA ARG B 217 19.67 11.01 -11.44
C ARG B 217 20.19 12.05 -10.46
N LYS B 218 20.66 11.57 -9.31
CA LYS B 218 21.16 12.42 -8.24
C LYS B 218 22.68 12.37 -8.23
N ARG B 219 23.31 13.53 -8.46
CA ARG B 219 24.78 13.63 -8.42
C ARG B 219 25.20 14.07 -7.02
N LYS B 220 24.92 13.21 -6.06
CA LYS B 220 25.23 13.51 -4.66
C LYS B 220 26.74 13.48 -4.44
N ASP B 221 27.19 14.35 -3.54
CA ASP B 221 28.61 14.45 -3.21
C ASP B 221 29.06 13.30 -2.33
N SER C 4 -20.59 2.48 -17.16
CA SER C 4 -20.92 2.85 -15.75
C SER C 4 -19.66 2.71 -14.89
N MET C 5 -18.93 3.81 -14.67
CA MET C 5 -17.66 3.75 -13.89
C MET C 5 -17.96 4.19 -12.45
N GLU C 6 -17.72 3.31 -11.49
CA GLU C 6 -17.91 3.69 -10.06
C GLU C 6 -16.53 3.90 -9.43
N GLU C 7 -16.18 5.15 -9.12
CA GLU C 7 -14.83 5.44 -8.59
C GLU C 7 -14.70 4.83 -7.20
N VAL C 8 -13.56 4.21 -6.89
CA VAL C 8 -13.36 3.56 -5.57
C VAL C 8 -12.58 4.53 -4.68
N VAL C 9 -13.16 4.92 -3.54
CA VAL C 9 -12.50 5.88 -2.62
C VAL C 9 -12.53 5.30 -1.21
N VAL C 10 -11.54 5.66 -0.38
CA VAL C 10 -11.49 5.17 1.03
C VAL C 10 -12.70 5.74 1.78
N PRO C 11 -13.58 4.91 2.38
CA PRO C 11 -14.69 5.41 3.19
C PRO C 11 -14.20 6.27 4.35
N GLU C 12 -15.03 7.25 4.72
CA GLU C 12 -14.73 8.14 5.83
C GLU C 12 -16.03 8.56 6.48
N GLU C 13 -15.91 9.06 7.72
CA GLU C 13 -17.09 9.47 8.46
C GLU C 13 -17.31 10.97 8.33
N PRO C 14 -18.57 11.42 8.33
CA PRO C 14 -18.85 12.85 8.29
C PRO C 14 -18.37 13.53 9.56
N PRO C 15 -17.94 14.78 9.47
CA PRO C 15 -17.45 15.47 10.67
C PRO C 15 -18.56 15.79 11.65
N LYS C 16 -18.17 15.93 12.91
CA LYS C 16 -19.09 16.32 13.98
C LYS C 16 -18.66 17.68 14.52
N LEU C 17 -19.43 18.19 15.48
CA LEU C 17 -19.24 19.54 15.99
C LEU C 17 -19.01 19.51 17.49
N VAL C 18 -18.08 20.34 17.95
CA VAL C 18 -17.78 20.50 19.37
C VAL C 18 -17.95 21.97 19.74
N SER C 19 -18.26 22.23 21.01
CA SER C 19 -18.65 23.58 21.43
C SER C 19 -17.48 24.55 21.30
N ALA C 20 -17.82 25.82 21.10
CA ALA C 20 -16.85 26.90 20.97
C ALA C 20 -17.54 28.21 21.34
N LEU C 21 -16.75 29.24 21.59
CA LEU C 21 -17.27 30.52 22.06
C LEU C 21 -16.90 31.65 21.08
N ALA C 22 -17.88 32.49 20.79
CA ALA C 22 -17.73 33.55 19.79
C ALA C 22 -18.17 34.87 20.38
N THR C 23 -18.22 35.91 19.54
CA THR C 23 -18.66 37.24 19.95
C THR C 23 -19.05 38.03 18.71
N TYR C 24 -19.44 39.29 18.93
CA TYR C 24 -19.83 40.21 17.87
C TYR C 24 -18.83 41.35 17.79
N VAL C 25 -18.53 41.79 16.58
CA VAL C 25 -17.59 42.89 16.33
C VAL C 25 -18.27 43.89 15.41
N GLN C 26 -18.19 45.18 15.77
CA GLN C 26 -18.89 46.19 14.98
C GLN C 26 -17.95 46.88 13.99
N GLN C 27 -16.79 47.34 14.44
CA GLN C 27 -15.89 48.13 13.62
C GLN C 27 -14.72 47.27 13.15
N GLU C 28 -14.19 47.62 11.98
CA GLU C 28 -13.19 46.78 11.32
C GLU C 28 -11.82 46.88 12.00
N ARG C 29 -11.40 48.09 12.37
CA ARG C 29 -10.05 48.28 12.92
C ARG C 29 -9.87 47.53 14.24
N LEU C 30 -10.93 47.49 15.06
CA LEU C 30 -10.88 46.70 16.28
C LEU C 30 -10.64 45.23 15.98
N CYS C 31 -11.30 44.71 14.95
CA CYS C 31 -11.09 43.32 14.56
C CYS C 31 -9.70 43.10 14.00
N THR C 32 -9.16 44.07 13.25
CA THR C 32 -7.81 43.94 12.72
C THR C 32 -6.79 43.85 13.85
N MET C 33 -6.96 44.68 14.89
CA MET C 33 -6.10 44.57 16.06
C MET C 33 -6.35 43.26 16.80
N PHE C 34 -7.62 42.83 16.84
CA PHE C 34 -7.99 41.62 17.59
C PHE C 34 -7.36 40.39 16.97
N LEU C 35 -7.16 40.39 15.65
CA LEU C 35 -6.51 39.25 15.01
C LEU C 35 -5.13 39.01 15.60
N SER C 36 -4.29 40.05 15.65
CA SER C 36 -2.96 39.94 16.23
C SER C 36 -3.04 39.67 17.73
N ILE C 37 -4.00 40.30 18.41
CA ILE C 37 -4.12 40.12 19.85
C ILE C 37 -4.43 38.67 20.18
N ALA C 38 -5.36 38.05 19.44
CA ALA C 38 -5.72 36.66 19.69
C ALA C 38 -4.60 35.72 19.25
N ASN C 39 -3.88 36.08 18.18
CA ASN C 39 -2.75 35.25 17.76
C ASN C 39 -1.67 35.21 18.84
N LYS C 40 -1.42 36.37 19.47
CA LYS C 40 -0.43 36.41 20.55
C LYS C 40 -0.95 35.72 21.81
N LEU C 41 -2.22 35.92 22.13
CA LEU C 41 -2.75 35.42 23.41
C LEU C 41 -3.18 33.97 23.30
N LEU C 42 -4.03 33.65 22.33
CA LEU C 42 -4.63 32.32 22.19
C LEU C 42 -4.37 31.77 20.80
N PRO C 43 -3.17 31.24 20.56
CA PRO C 43 -2.89 30.63 19.26
C PRO C 43 -3.75 29.40 19.02
N LEU C 44 -4.08 29.16 17.76
CA LEU C 44 -4.92 28.03 17.41
C LEU C 44 -4.18 26.72 17.68
N LYS C 45 -4.89 25.76 18.28
CA LYS C 45 -4.33 24.46 18.55
C LYS C 45 -4.10 23.71 17.24
N PRO C 46 -3.11 22.80 17.20
CA PRO C 46 -2.84 22.07 15.95
C PRO C 46 -4.06 21.32 15.42
N HIS C 47 -4.89 20.77 16.29
CA HIS C 47 -6.12 20.13 15.84
C HIS C 47 -7.18 21.17 15.46
N ALA C 48 -7.01 22.41 15.91
CA ALA C 48 -7.98 23.48 15.66
C ALA C 48 -7.46 24.50 14.67
N CYS C 49 -6.43 24.18 13.89
CA CYS C 49 -5.90 25.08 12.88
C CYS C 49 -6.58 24.92 11.53
N HIS C 50 -7.61 24.07 11.43
CA HIS C 50 -8.31 23.83 10.18
C HIS C 50 -9.51 24.75 9.98
N LEU C 51 -9.50 25.94 10.59
CA LEU C 51 -10.61 26.87 10.50
C LEU C 51 -10.08 28.27 10.24
N LYS C 52 -11.00 29.20 9.96
CA LYS C 52 -10.65 30.59 9.66
C LYS C 52 -11.38 31.49 10.64
N ARG C 53 -10.65 32.37 11.32
CA ARG C 53 -11.24 33.20 12.36
C ARG C 53 -12.20 34.23 11.78
N ILE C 54 -11.90 34.74 10.59
CA ILE C 54 -12.73 35.80 10.00
C ILE C 54 -14.10 35.27 9.68
N ARG C 55 -15.14 36.01 10.08
CA ARG C 55 -16.51 35.56 9.92
C ARG C 55 -17.44 36.75 10.04
N ARG C 56 -18.51 36.73 9.23
CA ARG C 56 -19.53 37.76 9.25
C ARG C 56 -20.87 37.14 9.59
N SER C 57 -21.65 37.83 10.42
CA SER C 57 -22.95 37.32 10.83
C SER C 57 -23.91 37.27 9.65
N SER C 58 -24.86 36.33 9.72
CA SER C 58 -25.85 36.21 8.66
C SER C 58 -26.72 37.45 8.58
N ALA C 59 -27.14 37.99 9.72
CA ALA C 59 -27.99 39.18 9.74
C ALA C 59 -27.16 40.45 9.52
N VAL C 109 -23.66 42.68 9.44
CA VAL C 109 -23.29 42.43 10.83
C VAL C 109 -22.11 41.45 10.88
N LEU C 110 -21.14 41.75 11.74
CA LEU C 110 -19.94 40.93 11.90
C LEU C 110 -19.95 40.32 13.30
N GLU C 111 -19.80 38.99 13.36
CA GLU C 111 -19.64 38.29 14.62
C GLU C 111 -18.37 37.44 14.54
N LEU C 112 -17.56 37.50 15.60
CA LEU C 112 -16.22 36.94 15.59
C LEU C 112 -16.13 35.79 16.58
N LEU C 113 -15.53 34.69 16.15
CA LEU C 113 -15.28 33.56 17.05
C LEU C 113 -13.99 33.78 17.82
N LEU C 114 -13.99 33.41 19.10
CA LEU C 114 -12.83 33.64 19.96
C LEU C 114 -12.17 32.34 20.40
N SER C 115 -12.90 31.43 21.04
CA SER C 115 -12.29 30.23 21.57
C SER C 115 -12.81 28.99 20.86
N VAL C 116 -11.88 28.11 20.49
CA VAL C 116 -12.19 26.90 19.74
C VAL C 116 -12.11 25.70 20.69
N GLY C 117 -13.12 24.83 20.59
CA GLY C 117 -13.10 23.58 21.35
C GLY C 117 -13.07 23.75 22.85
N GLY C 118 -13.78 24.75 23.36
CA GLY C 118 -13.83 24.98 24.79
C GLY C 118 -14.18 26.42 25.14
N PRO C 119 -14.28 26.70 26.44
CA PRO C 119 -14.63 28.05 26.87
C PRO C 119 -13.48 29.02 26.68
N VAL C 120 -13.83 30.31 26.71
CA VAL C 120 -12.83 31.37 26.61
C VAL C 120 -11.98 31.43 27.87
N ASP C 121 -10.76 31.91 27.74
CA ASP C 121 -9.92 32.18 28.90
C ASP C 121 -10.36 33.48 29.54
N SER C 122 -10.38 33.49 30.89
CA SER C 122 -10.85 34.67 31.61
C SER C 122 -9.92 35.86 31.38
N SER C 123 -8.61 35.66 31.58
CA SER C 123 -7.65 36.75 31.40
C SER C 123 -7.61 37.22 29.96
N ALA C 124 -7.65 36.28 29.00
CA ALA C 124 -7.64 36.65 27.60
C ALA C 124 -8.87 37.46 27.23
N LEU C 125 -10.04 37.04 27.72
CA LEU C 125 -11.26 37.79 27.43
C LEU C 125 -11.23 39.18 28.08
N LYS C 126 -10.69 39.27 29.30
CA LYS C 126 -10.58 40.57 29.94
C LYS C 126 -9.66 41.51 29.17
N GLU C 127 -8.53 40.99 28.69
CA GLU C 127 -7.62 41.80 27.88
C GLU C 127 -8.28 42.20 26.56
N LEU C 128 -9.05 41.29 25.96
CA LEU C 128 -9.77 41.62 24.74
C LEU C 128 -10.79 42.73 24.98
N GLU C 129 -11.50 42.67 26.10
CA GLU C 129 -12.44 43.73 26.45
C GLU C 129 -11.72 45.05 26.65
N SER C 130 -10.58 45.02 27.34
CA SER C 130 -9.80 46.23 27.55
C SER C 130 -9.35 46.83 26.22
N ALA C 131 -8.92 45.98 25.28
CA ALA C 131 -8.57 46.45 23.95
C ALA C 131 -9.78 47.06 23.25
N ALA C 132 -10.94 46.42 23.37
CA ALA C 132 -12.14 46.97 22.76
C ALA C 132 -12.70 48.14 23.54
N ASP C 133 -12.26 48.32 24.79
CA ASP C 133 -12.76 49.33 25.72
C ASP C 133 -14.23 49.18 26.01
N THR C 134 -14.81 48.00 25.78
CA THR C 134 -16.22 47.76 26.00
C THR C 134 -16.43 46.30 26.37
N THR C 135 -17.60 46.01 26.92
CA THR C 135 -17.93 44.64 27.33
C THR C 135 -18.09 43.75 26.10
N VAL C 136 -17.71 42.48 26.27
CA VAL C 136 -17.78 41.49 25.19
C VAL C 136 -18.76 40.39 25.59
N ALA C 137 -19.77 40.18 24.75
CA ALA C 137 -20.75 39.14 24.99
C ALA C 137 -20.39 37.87 24.23
N VAL C 138 -20.77 36.73 24.77
CA VAL C 138 -20.40 35.43 24.23
C VAL C 138 -21.66 34.65 23.86
N HIS C 139 -21.69 34.13 22.64
CA HIS C 139 -22.75 33.23 22.18
C HIS C 139 -22.12 31.94 21.69
N ARG C 140 -22.68 30.81 22.12
CA ARG C 140 -22.08 29.52 21.82
C ARG C 140 -22.22 29.19 20.34
N VAL C 141 -21.15 28.59 19.78
CA VAL C 141 -21.16 28.08 18.41
C VAL C 141 -20.53 26.70 18.44
N TRP C 142 -20.39 26.10 17.26
CA TRP C 142 -19.83 24.77 17.13
C TRP C 142 -18.80 24.73 16.01
N VAL C 143 -17.76 23.94 16.21
CA VAL C 143 -16.64 23.86 15.27
C VAL C 143 -16.36 22.40 14.92
N PRO C 144 -15.85 22.11 13.73
CA PRO C 144 -15.70 20.70 13.30
C PRO C 144 -14.51 20.04 13.97
N ASP C 145 -14.65 18.74 14.22
CA ASP C 145 -13.59 17.93 14.83
C ASP C 145 -12.94 16.97 13.85
N ARG C 146 -13.51 16.79 12.66
CA ARG C 146 -12.97 15.90 11.64
C ARG C 146 -12.62 16.72 10.42
N ALA C 147 -11.43 16.46 9.86
CA ALA C 147 -10.94 17.22 8.72
C ALA C 147 -11.07 16.41 7.44
N PRO C 148 -11.84 16.89 6.46
CA PRO C 148 -11.92 16.18 5.18
C PRO C 148 -10.79 16.55 4.24
N ARG C 149 -10.35 15.58 3.41
CA ARG C 149 -9.25 15.84 2.50
C ARG C 149 -9.48 15.33 1.08
N SER C 150 -10.59 14.64 0.79
CA SER C 150 -10.76 13.99 -0.50
C SER C 150 -11.94 14.48 -1.31
N SER C 151 -13.00 14.98 -0.69
CA SER C 151 -14.22 15.35 -1.39
C SER C 151 -14.43 16.85 -1.29
N ALA C 152 -14.55 17.51 -2.45
CA ALA C 152 -14.91 18.92 -2.46
C ALA C 152 -16.36 19.12 -2.04
N GLU C 153 -17.24 18.20 -2.45
CA GLU C 153 -18.65 18.30 -2.06
C GLU C 153 -18.81 18.20 -0.56
N GLU C 154 -18.11 17.25 0.08
CA GLU C 154 -18.16 17.16 1.53
C GLU C 154 -17.49 18.36 2.18
N TRP C 155 -16.44 18.90 1.55
CA TRP C 155 -15.77 20.08 2.07
C TRP C 155 -16.72 21.27 2.11
N THR C 156 -17.52 21.44 1.06
CA THR C 156 -18.51 22.50 1.05
C THR C 156 -19.73 22.18 1.91
N LYS C 157 -19.99 20.90 2.15
CA LYS C 157 -21.25 20.50 2.77
C LYS C 157 -21.38 21.10 4.17
N TRP C 158 -20.27 21.27 4.87
CA TRP C 158 -20.27 21.90 6.18
C TRP C 158 -19.79 23.34 6.13
N CYS C 159 -19.61 23.91 4.93
CA CYS C 159 -19.19 25.30 4.81
C CYS C 159 -20.30 26.27 5.23
N GLN C 160 -21.55 25.82 5.29
CA GLN C 160 -22.62 26.70 5.73
C GLN C 160 -22.41 27.16 7.17
N ILE C 161 -22.01 26.25 8.05
CA ILE C 161 -21.76 26.61 9.44
C ILE C 161 -20.46 27.40 9.57
N TRP C 162 -19.40 26.94 8.90
CA TRP C 162 -18.10 27.58 9.00
C TRP C 162 -17.26 27.12 7.82
N PRO C 163 -16.40 28.00 7.30
CA PRO C 163 -15.45 27.58 6.26
C PRO C 163 -14.31 26.76 6.86
N PHE C 164 -13.52 26.16 5.96
CA PHE C 164 -12.35 25.40 6.36
C PHE C 164 -11.08 26.13 5.96
N ALA C 165 -10.10 26.15 6.86
CA ALA C 165 -8.81 26.77 6.54
C ALA C 165 -8.13 26.04 5.40
N THR C 166 -8.16 24.72 5.42
CA THR C 166 -7.66 23.95 4.28
C THR C 166 -8.53 24.25 3.06
N PRO C 167 -7.93 24.62 1.93
CA PRO C 167 -8.75 25.04 0.78
C PRO C 167 -9.52 23.87 0.18
N LYS C 168 -10.24 24.13 -0.91
CA LYS C 168 -10.98 23.08 -1.58
C LYS C 168 -10.02 21.97 -2.01
N PRO C 169 -10.27 20.72 -1.64
CA PRO C 169 -9.33 19.64 -1.97
C PRO C 169 -9.16 19.50 -3.47
N ARG C 170 -7.95 19.15 -3.89
CA ARG C 170 -7.67 18.98 -5.30
C ARG C 170 -8.54 17.87 -5.87
N VAL C 171 -9.44 18.25 -6.77
CA VAL C 171 -10.42 17.34 -7.36
C VAL C 171 -9.72 16.54 -8.44
N PRO C 172 -9.68 15.22 -8.34
CA PRO C 172 -9.10 14.42 -9.43
C PRO C 172 -9.90 14.60 -10.71
N THR C 173 -9.21 14.47 -11.84
CA THR C 173 -9.86 14.58 -13.13
C THR C 173 -10.92 13.50 -13.28
N GLN C 174 -12.11 13.89 -13.74
CA GLN C 174 -13.23 12.97 -13.87
C GLN C 174 -13.21 12.29 -15.24
N LEU C 175 -12.03 11.76 -15.58
CA LEU C 175 -11.83 10.98 -16.80
C LEU C 175 -12.26 11.82 -18.00
N SER C 176 -12.98 11.23 -18.95
CA SER C 176 -13.51 11.96 -20.10
C SER C 176 -14.63 11.15 -20.72
N GLU C 177 -15.34 11.77 -21.66
CA GLU C 177 -16.48 11.10 -22.29
C GLU C 177 -16.02 10.03 -23.27
N CYS C 178 -14.97 10.30 -24.05
CA CYS C 178 -14.48 9.34 -25.04
C CYS C 178 -13.68 8.21 -24.41
N GLU C 179 -13.01 8.46 -23.29
CA GLU C 179 -12.25 7.40 -22.64
C GLU C 179 -13.18 6.35 -22.05
N VAL C 180 -14.40 6.74 -21.69
CA VAL C 180 -15.40 5.75 -21.28
C VAL C 180 -15.73 4.82 -22.43
N GLY C 181 -15.93 5.37 -23.63
CA GLY C 181 -16.18 4.52 -24.78
C GLY C 181 -15.00 3.65 -25.12
N SER C 182 -13.79 4.17 -24.95
CA SER C 182 -12.59 3.35 -25.15
C SER C 182 -12.56 2.19 -24.17
N ILE C 183 -12.89 2.45 -22.90
CA ILE C 183 -12.93 1.39 -21.90
C ILE C 183 -13.97 0.35 -22.29
N GLN C 184 -15.13 0.79 -22.75
CA GLN C 184 -16.18 -0.15 -23.16
C GLN C 184 -15.71 -1.00 -24.33
N ARG C 185 -15.02 -0.40 -25.30
CA ARG C 185 -14.53 -1.15 -26.45
C ARG C 185 -13.51 -2.19 -26.02
N ILE C 186 -12.61 -1.82 -25.11
CA ILE C 186 -11.60 -2.78 -24.65
C ILE C 186 -12.26 -3.92 -23.86
N PHE C 187 -13.25 -3.60 -23.02
CA PHE C 187 -14.00 -4.66 -22.35
C PHE C 187 -14.66 -5.59 -23.33
N ARG C 188 -15.37 -5.06 -24.32
CA ARG C 188 -16.08 -5.91 -25.27
C ARG C 188 -15.12 -6.57 -26.24
N THR C 189 -13.85 -6.17 -26.22
CA THR C 189 -12.91 -6.69 -27.20
C THR C 189 -11.97 -7.72 -26.59
N VAL C 190 -11.43 -7.45 -25.39
CA VAL C 190 -10.28 -8.22 -24.93
C VAL C 190 -10.53 -8.96 -23.62
N VAL C 191 -10.76 -8.21 -22.53
CA VAL C 191 -10.75 -8.83 -21.20
C VAL C 191 -11.94 -9.75 -21.00
N MET C 192 -13.13 -9.28 -21.35
CA MET C 192 -14.35 -10.06 -21.19
C MET C 192 -14.36 -11.32 -22.06
N PRO C 193 -13.96 -11.25 -23.34
CA PRO C 193 -13.91 -12.50 -24.13
C PRO C 193 -12.96 -13.54 -23.57
N LEU C 194 -11.83 -13.12 -23.00
CA LEU C 194 -10.94 -14.09 -22.35
C LEU C 194 -11.62 -14.77 -21.18
N ALA C 195 -12.24 -13.98 -20.30
CA ALA C 195 -12.98 -14.56 -19.19
C ALA C 195 -14.09 -15.47 -19.70
N LYS C 196 -14.47 -15.31 -20.96
CA LYS C 196 -15.44 -16.28 -21.52
C LYS C 196 -14.68 -17.53 -21.94
N ARG C 197 -13.64 -17.38 -22.76
CA ARG C 197 -12.97 -18.64 -23.25
C ARG C 197 -12.00 -19.22 -22.19
N LEU C 198 -11.43 -18.42 -21.28
CA LEU C 198 -10.46 -18.93 -20.29
C LEU C 198 -11.19 -19.92 -19.43
N ARG C 199 -12.44 -19.63 -19.08
CA ARG C 199 -12.98 -20.66 -18.16
C ARG C 199 -14.00 -21.65 -18.64
N THR C 200 -13.61 -22.92 -18.65
CA THR C 200 -14.43 -24.14 -18.67
C THR C 200 -14.45 -24.38 -17.15
N ASP C 201 -14.93 -25.51 -16.66
CA ASP C 201 -14.86 -25.66 -15.17
C ASP C 201 -13.41 -25.65 -14.67
N GLU C 202 -12.45 -26.27 -15.34
CA GLU C 202 -11.05 -26.39 -14.81
C GLU C 202 -10.24 -25.09 -14.61
N THR C 203 -10.26 -24.06 -15.49
CA THR C 203 -9.38 -22.87 -15.29
C THR C 203 -10.22 -21.83 -14.57
N LEU C 204 -9.61 -20.89 -13.87
CA LEU C 204 -10.34 -20.02 -12.96
C LEU C 204 -11.19 -18.98 -13.66
N GLY C 205 -10.63 -18.26 -14.63
CA GLY C 205 -11.38 -17.25 -15.34
C GLY C 205 -11.03 -15.82 -15.03
N ILE C 206 -9.74 -15.51 -14.88
CA ILE C 206 -9.28 -14.15 -14.59
C ILE C 206 -8.33 -13.71 -15.70
N ALA C 207 -8.57 -12.53 -16.26
CA ALA C 207 -7.76 -11.99 -17.35
C ALA C 207 -7.43 -10.53 -17.09
N ALA C 208 -6.19 -10.15 -17.38
CA ALA C 208 -5.71 -8.79 -17.12
C ALA C 208 -4.88 -8.30 -18.30
N VAL C 209 -5.06 -7.03 -18.65
CA VAL C 209 -4.49 -6.47 -19.86
C VAL C 209 -3.85 -5.12 -19.58
N LEU C 210 -2.62 -4.95 -20.07
CA LEU C 210 -1.85 -3.71 -19.98
C LEU C 210 -2.11 -2.86 -21.22
N VAL C 211 -3.05 -1.94 -21.07
CA VAL C 211 -3.42 -1.04 -22.15
C VAL C 211 -2.58 0.24 -22.09
N ASP C 212 -2.19 0.74 -23.26
CA ASP C 212 -1.44 1.97 -23.40
C ASP C 212 -2.35 3.11 -23.85
N PRO C 213 -2.60 4.12 -23.00
CA PRO C 213 -3.57 5.16 -23.38
C PRO C 213 -3.08 6.09 -24.47
N SER C 214 -1.76 6.27 -24.60
CA SER C 214 -1.24 7.27 -25.53
C SER C 214 -1.55 6.92 -26.98
N ASP C 215 -1.61 5.63 -27.31
CA ASP C 215 -1.82 5.17 -28.68
C ASP C 215 -3.26 4.80 -28.95
N GLY C 216 -4.21 5.50 -28.34
CA GLY C 216 -5.61 5.21 -28.57
C GLY C 216 -6.12 3.97 -27.86
N TYR C 217 -5.57 3.65 -26.70
CA TYR C 217 -6.02 2.52 -25.88
C TYR C 217 -5.91 1.20 -26.64
N ARG C 218 -4.67 0.85 -26.97
CA ARG C 218 -4.36 -0.39 -27.66
C ARG C 218 -3.75 -1.39 -26.69
N VAL C 219 -4.05 -2.67 -26.90
CA VAL C 219 -3.64 -3.73 -25.98
C VAL C 219 -2.16 -4.04 -26.25
N LEU C 220 -1.32 -3.73 -25.26
CA LEU C 220 0.12 -3.98 -25.42
C LEU C 220 0.44 -5.45 -25.23
N VAL C 221 -0.20 -6.11 -24.26
CA VAL C 221 -0.04 -7.53 -24.02
C VAL C 221 -1.25 -8.02 -23.24
N SER C 222 -1.71 -9.23 -23.58
CA SER C 222 -2.91 -9.80 -22.98
C SER C 222 -2.61 -11.21 -22.51
N SER C 223 -3.03 -11.52 -21.28
CA SER C 223 -2.82 -12.84 -20.73
C SER C 223 -3.66 -13.88 -21.47
N GLY C 224 -3.06 -15.05 -21.71
CA GLY C 224 -3.67 -16.08 -22.50
C GLY C 224 -4.09 -17.30 -21.68
N GLU C 225 -4.32 -18.41 -22.39
CA GLU C 225 -4.80 -19.62 -21.74
C GLU C 225 -3.73 -20.24 -20.84
N GLU C 226 -2.48 -20.28 -21.32
CA GLU C 226 -1.41 -20.92 -20.57
C GLU C 226 -0.92 -20.09 -19.39
N HIS C 227 -1.62 -19.02 -19.03
CA HIS C 227 -1.22 -18.16 -17.93
C HIS C 227 -2.16 -18.23 -16.73
N ALA C 228 -3.34 -18.82 -16.88
CA ALA C 228 -4.37 -18.73 -15.86
C ALA C 228 -4.20 -19.81 -14.80
N LEU C 229 -5.07 -19.76 -13.80
CA LEU C 229 -4.95 -20.57 -12.59
C LEU C 229 -5.89 -21.76 -12.64
N LYS C 230 -5.38 -22.93 -12.25
CA LYS C 230 -6.19 -24.15 -12.23
C LYS C 230 -7.15 -24.12 -11.04
N ARG C 231 -8.30 -24.77 -11.21
CA ARG C 231 -9.27 -24.84 -10.12
C ARG C 231 -8.83 -25.83 -9.05
N GLY C 232 -8.29 -26.98 -9.46
CA GLY C 232 -7.93 -28.00 -8.49
C GLY C 232 -6.87 -27.54 -7.52
N ASN C 233 -5.85 -26.85 -8.02
CA ASN C 233 -4.83 -26.27 -7.17
C ASN C 233 -5.45 -25.28 -6.20
N SER C 234 -4.96 -25.29 -4.95
CA SER C 234 -5.45 -24.38 -3.94
C SER C 234 -4.48 -23.25 -3.62
N ALA C 235 -3.24 -23.35 -4.11
CA ALA C 235 -2.27 -22.28 -3.84
C ALA C 235 -2.69 -20.97 -4.50
N ALA C 236 -3.16 -21.05 -5.74
CA ALA C 236 -3.51 -19.83 -6.46
C ALA C 236 -4.92 -19.36 -6.09
N CYS C 237 -5.74 -20.25 -5.55
CA CYS C 237 -7.17 -19.96 -5.45
C CYS C 237 -7.56 -19.31 -4.12
N LEU C 238 -6.61 -19.13 -3.20
CA LEU C 238 -6.95 -18.49 -1.93
C LEU C 238 -7.43 -17.06 -2.14
N GLY C 239 -6.75 -16.32 -3.02
CA GLY C 239 -7.09 -14.91 -3.19
C GLY C 239 -8.44 -14.69 -3.83
N TYR C 240 -8.79 -15.51 -4.83
CA TYR C 240 -9.88 -15.12 -5.72
C TYR C 240 -11.16 -15.91 -5.44
N VAL C 241 -11.06 -17.19 -5.10
CA VAL C 241 -12.25 -17.98 -4.85
C VAL C 241 -12.27 -18.37 -3.38
N SER C 242 -13.48 -18.60 -2.86
CA SER C 242 -13.67 -18.80 -1.44
C SER C 242 -13.32 -20.22 -1.02
N ASN C 243 -12.98 -20.37 0.26
CA ASN C 243 -12.75 -21.67 0.89
C ASN C 243 -11.75 -22.51 0.11
N SER C 244 -10.64 -21.87 -0.28
CA SER C 244 -9.59 -22.61 -0.97
C SER C 244 -8.69 -23.34 0.01
N GLY C 245 -8.85 -23.08 1.31
CA GLY C 245 -8.06 -23.79 2.30
C GLY C 245 -8.52 -25.21 2.53
N CYS C 246 -9.67 -25.58 1.97
CA CYS C 246 -10.20 -26.93 2.18
C CYS C 246 -9.37 -27.98 1.45
N ARG C 247 -8.92 -27.67 0.24
CA ARG C 247 -8.21 -28.63 -0.61
C ARG C 247 -6.72 -28.38 -0.52
N LYS C 248 -5.94 -29.46 -0.60
CA LYS C 248 -4.49 -29.33 -0.58
C LYS C 248 -4.00 -28.77 -1.92
N SER C 249 -2.77 -28.27 -1.91
CA SER C 249 -2.16 -27.67 -3.09
C SER C 249 -1.24 -28.67 -3.77
N ASN C 250 -1.54 -28.98 -5.03
CA ASN C 250 -0.71 -29.93 -5.77
C ASN C 250 0.59 -29.28 -6.22
N ARG C 251 0.55 -27.99 -6.56
CA ARG C 251 1.72 -27.29 -7.08
C ARG C 251 2.01 -26.03 -6.27
N VAL C 252 2.96 -25.24 -6.76
CA VAL C 252 3.31 -23.95 -6.19
C VAL C 252 3.08 -22.90 -7.26
N VAL C 253 2.27 -21.88 -6.94
CA VAL C 253 1.91 -20.84 -7.88
C VAL C 253 2.60 -19.55 -7.45
N LEU C 254 3.38 -18.97 -8.36
CA LEU C 254 4.11 -17.74 -8.11
C LEU C 254 3.58 -16.55 -8.89
N ASP C 255 2.83 -16.78 -9.97
CA ASP C 255 2.41 -15.71 -10.86
C ASP C 255 0.95 -15.88 -11.22
N HIS C 256 0.15 -14.85 -10.92
CA HIS C 256 -1.26 -14.77 -11.30
C HIS C 256 -1.38 -14.06 -12.64
N PRO C 257 -2.55 -14.09 -13.30
CA PRO C 257 -2.67 -13.43 -14.62
C PRO C 257 -2.51 -11.92 -14.59
N VAL C 258 -2.20 -11.32 -13.45
CA VAL C 258 -1.87 -9.90 -13.38
C VAL C 258 -0.37 -9.69 -13.27
N THR C 259 0.37 -10.69 -12.80
CA THR C 259 1.82 -10.61 -12.74
C THR C 259 2.52 -11.22 -13.95
N PHE C 260 1.88 -12.14 -14.66
CA PHE C 260 2.42 -12.58 -15.94
C PHE C 260 2.49 -11.41 -16.91
N VAL C 261 1.45 -10.60 -16.97
CA VAL C 261 1.41 -9.48 -17.91
C VAL C 261 2.48 -8.46 -17.58
N LEU C 262 2.62 -8.10 -16.30
CA LEU C 262 3.54 -7.04 -15.91
C LEU C 262 4.99 -7.45 -16.14
N LYS C 263 5.25 -8.74 -16.31
CA LYS C 263 6.59 -9.22 -16.60
C LYS C 263 6.83 -9.50 -18.08
N GLU C 264 5.93 -9.03 -18.96
CA GLU C 264 6.12 -9.18 -20.40
C GLU C 264 6.29 -7.86 -21.12
N VAL C 265 6.27 -6.73 -20.41
CA VAL C 265 6.47 -5.42 -21.02
C VAL C 265 7.88 -4.89 -20.81
N THR C 266 8.67 -5.52 -19.92
CA THR C 266 10.05 -5.13 -19.76
C THR C 266 10.80 -5.18 -21.09
N ARG C 267 10.34 -6.05 -21.99
CA ARG C 267 10.80 -6.07 -23.36
C ARG C 267 10.44 -4.76 -24.08
N TYR C 281 10.21 2.70 -17.71
CA TYR C 281 10.82 2.02 -16.53
C TYR C 281 10.05 0.74 -16.23
N LEU C 282 9.36 0.71 -15.10
CA LEU C 282 8.51 -0.45 -14.84
C LEU C 282 7.06 -0.10 -15.20
N ALA C 283 6.64 -0.35 -16.43
CA ALA C 283 5.24 -0.14 -16.81
C ALA C 283 4.70 1.17 -16.26
N ASN C 284 5.53 2.17 -16.10
CA ASN C 284 5.04 3.39 -15.44
C ASN C 284 4.13 4.14 -16.40
N GLY C 285 2.93 4.50 -15.95
CA GLY C 285 2.05 5.33 -16.79
C GLY C 285 1.14 4.56 -17.72
N MET C 286 1.14 3.23 -17.66
CA MET C 286 0.19 2.45 -18.49
C MET C 286 -1.14 2.31 -17.75
N ASP C 287 -1.99 1.38 -18.19
CA ASP C 287 -3.32 1.19 -17.55
C ASP C 287 -3.63 -0.29 -17.52
N MET C 288 -4.47 -0.75 -16.60
CA MET C 288 -4.67 -2.23 -16.48
C MET C 288 -6.13 -2.59 -16.30
N PHE C 289 -6.81 -2.97 -17.37
CA PHE C 289 -8.19 -3.45 -17.25
C PHE C 289 -8.02 -4.86 -16.69
N VAL C 290 -8.76 -5.29 -15.66
CA VAL C 290 -8.42 -6.60 -15.02
C VAL C 290 -9.59 -7.47 -14.59
N SER C 291 -10.77 -7.38 -15.17
CA SER C 291 -11.84 -8.34 -14.76
C SER C 291 -11.83 -8.50 -13.25
N HIS C 292 -11.80 -9.73 -12.75
CA HIS C 292 -11.91 -9.90 -11.29
C HIS C 292 -10.84 -9.08 -10.58
N GLU C 293 -11.13 -8.49 -9.43
CA GLU C 293 -10.22 -7.52 -8.77
C GLU C 293 -8.92 -8.13 -8.26
N PRO C 294 -7.74 -7.59 -8.61
CA PRO C 294 -6.46 -8.17 -8.20
C PRO C 294 -6.42 -8.48 -6.72
N CYS C 295 -5.71 -9.55 -6.36
CA CYS C 295 -5.56 -9.94 -4.96
C CYS C 295 -4.52 -9.04 -4.29
N VAL C 296 -4.12 -9.39 -3.07
CA VAL C 296 -3.14 -8.61 -2.34
C VAL C 296 -1.75 -8.67 -2.95
N MET C 297 -1.39 -9.78 -3.59
CA MET C 297 -0.11 -9.88 -4.28
C MET C 297 -0.08 -9.03 -5.54
N CYS C 298 -1.14 -9.10 -6.35
CA CYS C 298 -1.19 -8.26 -7.54
C CYS C 298 -1.31 -6.79 -7.19
N SER C 299 -1.72 -6.48 -5.95
CA SER C 299 -1.70 -5.10 -5.49
C SER C 299 -0.26 -4.56 -5.43
N MET C 300 0.66 -5.30 -4.83
CA MET C 300 2.06 -4.94 -4.94
C MET C 300 2.63 -5.08 -6.34
N ALA C 301 2.06 -5.97 -7.16
CA ALA C 301 2.45 -5.95 -8.56
C ALA C 301 2.15 -4.59 -9.15
N LEU C 302 1.03 -3.99 -8.76
CA LEU C 302 0.63 -2.70 -9.31
C LEU C 302 1.31 -1.54 -8.59
N VAL C 303 1.83 -1.76 -7.39
CA VAL C 303 2.44 -0.67 -6.64
C VAL C 303 3.96 -0.59 -6.78
N HIS C 304 4.66 -1.72 -6.94
CA HIS C 304 6.11 -1.62 -7.22
C HIS C 304 6.21 -1.30 -8.69
N SER C 305 5.59 -2.08 -9.54
CA SER C 305 5.54 -1.73 -10.97
C SER C 305 4.43 -0.73 -11.07
N ARG C 306 4.75 0.51 -11.29
CA ARG C 306 3.73 1.58 -11.25
C ARG C 306 2.62 1.39 -12.32
N VAL C 307 1.40 1.89 -12.13
CA VAL C 307 0.26 1.82 -13.04
C VAL C 307 -0.70 2.96 -12.71
N ARG C 308 -1.14 3.68 -13.75
CA ARG C 308 -1.94 4.88 -13.51
C ARG C 308 -3.34 4.54 -13.02
N ARG C 309 -4.04 3.63 -13.68
CA ARG C 309 -5.41 3.32 -13.32
C ARG C 309 -5.66 1.82 -13.39
N VAL C 310 -6.59 1.35 -12.55
CA VAL C 310 -7.01 -0.04 -12.53
C VAL C 310 -8.52 -0.10 -12.61
N PHE C 311 -9.03 -0.99 -13.48
CA PHE C 311 -10.46 -1.11 -13.75
C PHE C 311 -10.91 -2.55 -13.49
N TYR C 312 -11.31 -2.84 -12.26
CA TYR C 312 -11.83 -4.18 -11.98
C TYR C 312 -13.34 -4.19 -12.15
N CYS C 313 -13.84 -5.26 -12.76
CA CYS C 313 -15.25 -5.41 -13.10
C CYS C 313 -16.06 -6.11 -12.01
N PHE C 314 -15.65 -7.31 -11.61
CA PHE C 314 -16.36 -8.05 -10.58
C PHE C 314 -15.46 -8.24 -9.37
N PRO C 315 -15.79 -7.63 -8.23
CA PRO C 315 -14.84 -7.59 -7.12
C PRO C 315 -14.70 -8.95 -6.44
N ASN C 316 -13.57 -9.12 -5.74
CA ASN C 316 -13.32 -10.33 -4.99
C ASN C 316 -13.66 -10.10 -3.54
N PRO C 317 -14.70 -10.75 -3.00
CA PRO C 317 -15.00 -10.57 -1.58
C PRO C 317 -14.08 -11.39 -0.68
N VAL C 318 -13.62 -12.55 -1.14
CA VAL C 318 -12.85 -13.43 -0.27
C VAL C 318 -11.50 -12.82 0.07
N HIS C 319 -10.85 -12.17 -0.90
CA HIS C 319 -9.56 -11.56 -0.68
C HIS C 319 -9.25 -10.67 -1.87
N GLY C 320 -8.89 -9.42 -1.59
CA GLY C 320 -8.62 -8.47 -2.65
C GLY C 320 -7.94 -7.22 -2.16
N GLY C 321 -6.90 -6.78 -2.85
CA GLY C 321 -6.14 -5.64 -2.41
C GLY C 321 -6.70 -4.31 -2.88
N LEU C 322 -7.79 -4.35 -3.65
CA LEU C 322 -8.44 -3.10 -4.07
C LEU C 322 -9.82 -2.97 -3.44
N GLY C 323 -10.42 -4.10 -3.06
CA GLY C 323 -11.75 -4.11 -2.49
C GLY C 323 -11.82 -4.59 -1.05
N SER C 324 -12.18 -5.86 -0.88
CA SER C 324 -12.57 -6.38 0.44
C SER C 324 -11.45 -6.24 1.47
N THR C 325 -10.32 -6.92 1.24
CA THR C 325 -9.33 -7.10 2.30
C THR C 325 -8.79 -5.76 2.79
N VAL C 326 -8.07 -5.05 1.94
CA VAL C 326 -7.55 -3.72 2.29
C VAL C 326 -7.24 -2.98 1.01
N SER C 327 -7.68 -1.73 0.94
CA SER C 327 -7.50 -0.89 -0.24
C SER C 327 -6.03 -0.48 -0.30
N ILE C 328 -5.24 -1.27 -1.01
CA ILE C 328 -3.79 -1.06 -1.05
C ILE C 328 -3.43 0.27 -1.68
N HIS C 329 -4.11 0.65 -2.77
CA HIS C 329 -3.74 1.86 -3.51
C HIS C 329 -3.89 3.12 -2.66
N ALA C 330 -4.66 3.05 -1.58
CA ALA C 330 -4.87 4.23 -0.75
C ALA C 330 -3.88 4.31 0.42
N ILE C 331 -3.08 3.27 0.63
CA ILE C 331 -2.19 3.25 1.78
C ILE C 331 -1.19 4.39 1.69
N GLN C 332 -1.02 5.11 2.82
CA GLN C 332 -0.27 6.36 2.79
C GLN C 332 1.23 6.15 2.71
N GLU C 333 1.76 5.13 3.41
CA GLU C 333 3.21 4.94 3.46
C GLU C 333 3.76 4.50 2.11
N LEU C 334 2.93 3.86 1.28
CA LEU C 334 3.38 3.40 -0.02
C LEU C 334 3.74 4.58 -0.91
N ASN C 335 4.65 4.34 -1.86
CA ASN C 335 5.10 5.43 -2.73
C ASN C 335 4.02 5.82 -3.72
N HIS C 336 3.61 4.90 -4.58
CA HIS C 336 2.74 5.20 -5.72
C HIS C 336 1.29 4.98 -5.31
N HIS C 337 0.58 6.08 -5.09
CA HIS C 337 -0.87 6.02 -4.96
C HIS C 337 -1.52 6.13 -6.33
N PHE C 338 -2.46 5.25 -6.60
CA PHE C 338 -3.14 5.18 -7.89
C PHE C 338 -4.63 4.96 -7.70
N ARG C 339 -5.39 5.31 -8.74
CA ARG C 339 -6.85 5.30 -8.68
C ARG C 339 -7.40 4.01 -9.26
N VAL C 340 -8.55 3.58 -8.72
CA VAL C 340 -9.19 2.34 -9.14
C VAL C 340 -10.66 2.64 -9.43
N PHE C 341 -11.13 2.21 -10.59
CA PHE C 341 -12.50 2.45 -11.03
C PHE C 341 -13.19 1.11 -11.24
N ARG C 342 -14.36 0.93 -10.63
CA ARG C 342 -15.18 -0.23 -10.97
C ARG C 342 -15.86 -0.01 -12.31
N CYS C 343 -16.16 -1.11 -13.00
CA CYS C 343 -16.83 -1.07 -14.31
C CYS C 343 -17.65 -2.34 -14.45
N ASP C 344 -18.94 -2.27 -14.14
CA ASP C 344 -19.83 -3.43 -14.23
C ASP C 344 -20.71 -3.28 -15.46
ZN ZN D . 9.39 -8.59 -0.95
ZN ZN E . -2.89 -11.92 -7.58
#